data_5A53
#
_entry.id   5A53
#
_cell.length_a   72.280
_cell.length_b   72.280
_cell.length_c   175.710
_cell.angle_alpha   90.00
_cell.angle_beta   90.00
_cell.angle_gamma   90.00
#
_symmetry.space_group_name_H-M   'P 43 21 2'
#
loop_
_entity.id
_entity.type
_entity.pdbx_description
1 polymer 'REGULATOR OF RIBOSOME BIOSYNTHESIS'
2 polymer 'REGULATOR OF RIBOSOME BIOSYNTHESIS'
3 polymer 'RIBOSOME BIOGENESIS PROTEIN RPF2'
4 non-polymer 'SULFATE ION'
5 water water
#
loop_
_entity_poly.entity_id
_entity_poly.type
_entity_poly.pdbx_seq_one_letter_code
_entity_poly.pdbx_strand_id
1 'polypeptide(L)' LPVTVEKPIPVVYDLGNLAAFDSNVLDKNDLDSSNARREEKIKSLTRDNVQLLINQLLSLPMKTT A
2 'polypeptide(L)' SVMTLLQLPDPTTDLPREKPLP B
3 'polypeptide(L)'
;LVENVKQALFIPGQSCNKNLHDIMVDLSALKKPDMKRFNRKNDIHPFEDMSPLEFFSEKNDCSLMVLMTSSKKRKNNMTF
IRTFGYKIYDMIELMVADNFKLLSDFKKLTFTVGLKPMFTFQGAAFDTHPVYKQIKSLFLDFFRGESTDLQDVAGLQHVI
SMTIQGDFQDGEPLPNVLFRVYKLKSYKSDQGGKRLPRIELVEIGPRLDFKIGRIHTPSPDMVTEAHKKP
;
C
#
# COMPACT_ATOMS: atom_id res chain seq x y z
N LEU A 1 -9.54 25.46 -8.18
CA LEU A 1 -8.71 25.79 -9.34
C LEU A 1 -7.21 26.02 -9.05
N PRO A 2 -6.83 26.41 -7.81
CA PRO A 2 -5.37 26.45 -7.58
C PRO A 2 -4.69 25.08 -7.76
N VAL A 3 -3.54 25.08 -8.43
CA VAL A 3 -2.81 23.85 -8.70
C VAL A 3 -1.56 23.73 -7.85
N THR A 4 -1.26 24.79 -7.08
CA THR A 4 -0.12 24.76 -6.17
C THR A 4 -0.56 24.45 -4.74
N VAL A 5 0.34 23.86 -3.97
CA VAL A 5 0.07 23.52 -2.58
C VAL A 5 1.21 23.96 -1.69
N GLU A 6 0.91 24.74 -0.66
CA GLU A 6 1.94 25.17 0.28
C GLU A 6 1.89 24.35 1.56
N LYS A 7 3.06 23.91 2.00
CA LYS A 7 3.19 23.09 3.20
C LYS A 7 4.43 23.49 3.98
N PRO A 8 4.37 23.47 5.31
CA PRO A 8 5.53 23.76 6.16
C PRO A 8 6.74 22.92 5.80
N ILE A 9 6.59 21.61 5.84
CA ILE A 9 7.65 20.69 5.42
C ILE A 9 7.39 20.20 4.00
N PRO A 10 8.41 20.30 3.13
CA PRO A 10 8.28 19.86 1.73
C PRO A 10 8.02 18.37 1.60
N VAL A 11 7.18 18.02 0.63
CA VAL A 11 6.88 16.62 0.34
C VAL A 11 8.00 15.98 -0.47
N VAL A 12 8.39 14.76 -0.10
CA VAL A 12 9.46 14.03 -0.80
C VAL A 12 8.85 13.04 -1.79
N TYR A 13 9.58 12.74 -2.86
CA TYR A 13 9.02 11.90 -3.93
C TYR A 13 9.89 10.71 -4.32
N ASP A 14 9.22 9.62 -4.67
CA ASP A 14 9.84 8.48 -5.33
C ASP A 14 9.06 8.21 -6.61
N LEU A 15 9.33 8.99 -7.64
CA LEU A 15 8.54 8.97 -8.87
C LEU A 15 8.70 7.66 -9.64
N GLY A 16 9.77 6.93 -9.38
CA GLY A 16 9.98 5.63 -9.99
C GLY A 16 8.93 4.64 -9.53
N ASN A 17 8.34 4.91 -8.38
CA ASN A 17 7.27 4.09 -7.83
C ASN A 17 5.95 4.85 -7.76
N LEU A 18 5.91 6.03 -8.39
CA LEU A 18 4.73 6.89 -8.39
C LEU A 18 4.27 7.21 -6.98
N ALA A 19 5.22 7.49 -6.09
CA ALA A 19 4.92 7.66 -4.68
C ALA A 19 5.34 9.04 -4.15
N ALA A 20 4.57 9.55 -3.19
CA ALA A 20 4.90 10.79 -2.51
C ALA A 20 4.86 10.59 -1.00
N PHE A 21 5.76 11.24 -0.28
CA PHE A 21 5.85 11.08 1.17
C PHE A 21 5.72 12.41 1.90
N ASP A 22 4.72 12.49 2.78
CA ASP A 22 4.43 13.73 3.49
C ASP A 22 4.68 13.57 4.99
N SER A 23 5.61 14.36 5.51
CA SER A 23 6.01 14.26 6.91
C SER A 23 5.40 15.37 7.78
N ASN A 24 4.46 16.12 7.23
CA ASN A 24 3.83 17.22 7.95
C ASN A 24 3.00 16.73 9.13
N VAL A 25 2.77 17.63 10.09
CA VAL A 25 2.09 17.31 11.34
C VAL A 25 0.65 16.85 11.12
N LEU A 26 0.28 15.76 11.77
CA LEU A 26 -1.08 15.24 11.75
C LEU A 26 -1.75 15.41 13.11
N ASP A 27 -3.01 15.81 13.11
CA ASP A 27 -3.75 15.99 14.36
C ASP A 27 -4.59 14.76 14.68
N LYS A 28 -4.42 14.25 15.90
CA LYS A 28 -5.14 13.08 16.36
C LYS A 28 -6.65 13.28 16.35
N ASN A 29 -7.09 14.46 16.80
CA ASN A 29 -8.50 14.77 16.92
C ASN A 29 -9.21 14.88 15.56
N ASP A 30 -8.46 15.27 14.54
CA ASP A 30 -9.01 15.38 13.19
C ASP A 30 -9.26 14.01 12.57
N LEU A 31 -8.56 12.99 13.06
CA LEU A 31 -8.57 11.69 12.42
C LEU A 31 -9.19 10.59 13.29
N ASP A 32 -9.65 10.96 14.48
CA ASP A 32 -10.27 9.99 15.39
C ASP A 32 -11.52 9.39 14.77
N SER A 33 -11.78 8.13 15.08
CA SER A 33 -12.90 7.39 14.48
C SER A 33 -14.26 7.95 14.86
N SER A 34 -14.30 8.78 15.90
CA SER A 34 -15.56 9.38 16.34
C SER A 34 -15.82 10.71 15.65
N ASN A 35 -14.77 11.32 15.11
CA ASN A 35 -14.90 12.56 14.35
C ASN A 35 -15.67 12.30 13.06
N ALA A 36 -16.77 13.04 12.88
CA ALA A 36 -17.67 12.83 11.76
C ALA A 36 -17.08 13.32 10.44
N ARG A 37 -16.26 14.37 10.50
CA ARG A 37 -15.73 14.94 9.28
C ARG A 37 -14.34 14.34 8.99
N ARG A 38 -14.16 13.12 9.48
CA ARG A 38 -12.95 12.32 9.30
C ARG A 38 -12.51 12.19 7.85
N GLU A 39 -13.35 11.52 7.06
CA GLU A 39 -13.01 11.17 5.69
C GLU A 39 -12.87 12.39 4.79
N GLU A 40 -13.44 13.52 5.20
CA GLU A 40 -13.25 14.76 4.45
C GLU A 40 -11.81 15.22 4.58
N LYS A 41 -11.24 15.03 5.78
CA LYS A 41 -9.87 15.43 6.05
C LYS A 41 -8.87 14.48 5.39
N ILE A 42 -9.16 13.19 5.42
CA ILE A 42 -8.31 12.19 4.78
C ILE A 42 -8.17 12.48 3.30
N LYS A 43 -9.30 12.68 2.63
CA LYS A 43 -9.32 12.90 1.19
C LYS A 43 -8.69 14.24 0.82
N SER A 44 -9.03 15.28 1.56
CA SER A 44 -8.51 16.62 1.30
C SER A 44 -6.99 16.66 1.40
N LEU A 45 -6.46 16.03 2.44
CA LEU A 45 -5.02 15.94 2.63
C LEU A 45 -4.38 15.10 1.53
N THR A 46 -5.03 14.00 1.18
CA THR A 46 -4.57 13.13 0.11
C THR A 46 -4.56 13.86 -1.23
N ARG A 47 -5.60 14.65 -1.46
CA ARG A 47 -5.74 15.40 -2.71
C ARG A 47 -4.57 16.36 -2.91
N ASP A 48 -4.13 16.98 -1.83
CA ASP A 48 -3.00 17.91 -1.88
C ASP A 48 -1.72 17.20 -2.30
N ASN A 49 -1.50 16.02 -1.74
CA ASN A 49 -0.30 15.25 -2.03
C ASN A 49 -0.34 14.65 -3.44
N VAL A 50 -1.52 14.24 -3.88
CA VAL A 50 -1.70 13.74 -5.23
C VAL A 50 -1.43 14.86 -6.24
N GLN A 51 -1.93 16.05 -5.93
CA GLN A 51 -1.71 17.23 -6.75
C GLN A 51 -0.22 17.50 -6.90
N LEU A 52 0.49 17.51 -5.78
CA LEU A 52 1.93 17.73 -5.78
C LEU A 52 2.66 16.60 -6.52
N LEU A 53 2.16 15.39 -6.37
CA LEU A 53 2.73 14.23 -7.05
C LEU A 53 2.58 14.35 -8.56
N ILE A 54 1.37 14.68 -9.00
CA ILE A 54 1.07 14.84 -10.43
C ILE A 54 1.89 15.98 -11.04
N ASN A 55 2.02 17.08 -10.31
CA ASN A 55 2.85 18.20 -10.74
C ASN A 55 4.29 17.75 -11.02
N GLN A 56 4.85 17.00 -10.10
CA GLN A 56 6.21 16.49 -10.24
C GLN A 56 6.34 15.53 -11.43
N LEU A 57 5.33 14.68 -11.61
CA LEU A 57 5.33 13.72 -12.69
C LEU A 57 5.29 14.40 -14.06
N LEU A 58 4.50 15.47 -14.16
CA LEU A 58 4.34 16.18 -15.43
C LEU A 58 5.53 17.08 -15.75
N SER A 59 6.51 17.14 -14.84
CA SER A 59 7.72 17.92 -15.07
C SER A 59 8.86 17.02 -15.51
N LEU A 60 8.60 15.71 -15.54
CA LEU A 60 9.56 14.72 -16.03
C LEU A 60 9.72 14.85 -17.54
N PRO A 61 10.77 14.22 -18.11
CA PRO A 61 10.88 14.10 -19.57
C PRO A 61 9.58 13.59 -20.18
N MET A 62 8.98 14.40 -21.05
CA MET A 62 7.60 14.18 -21.47
C MET A 62 7.38 14.53 -22.94
N LYS A 63 6.45 13.82 -23.57
CA LYS A 63 6.06 14.10 -24.96
C LYS A 63 4.66 13.60 -25.24
N THR A 64 3.86 14.41 -25.92
CA THR A 64 2.52 14.01 -26.31
C THR A 64 2.52 13.53 -27.77
N THR A 65 2.95 12.29 -27.98
CA THR A 65 3.06 11.73 -29.32
C THR A 65 1.71 11.62 -30.00
N SER B 1 0.28 6.27 -32.65
CA SER B 1 -0.63 6.50 -31.54
C SER B 1 -0.42 7.87 -30.91
N VAL B 2 -1.50 8.53 -30.53
CA VAL B 2 -1.39 9.79 -29.81
C VAL B 2 -1.63 9.55 -28.31
N MET B 3 -0.68 10.00 -27.50
CA MET B 3 -0.70 9.77 -26.06
C MET B 3 0.45 10.53 -25.40
N THR B 4 0.27 10.87 -24.13
CA THR B 4 1.31 11.59 -23.40
C THR B 4 2.12 10.62 -22.53
N LEU B 5 3.41 10.52 -22.84
CA LEU B 5 4.29 9.57 -22.16
C LEU B 5 5.28 10.27 -21.26
N LEU B 6 5.65 9.60 -20.17
CA LEU B 6 6.68 10.10 -19.25
C LEU B 6 7.80 9.09 -19.13
N GLN B 7 9.02 9.57 -18.94
CA GLN B 7 10.13 8.69 -18.60
C GLN B 7 10.41 8.77 -17.10
N LEU B 8 10.10 7.68 -16.40
CA LEU B 8 10.26 7.64 -14.95
C LEU B 8 11.74 7.51 -14.56
N PRO B 9 12.14 8.21 -13.48
CA PRO B 9 13.51 8.10 -12.95
C PRO B 9 13.70 6.81 -12.17
N ASP B 10 14.94 6.51 -11.79
CA ASP B 10 15.24 5.33 -11.01
C ASP B 10 14.54 5.36 -9.66
N PRO B 11 14.02 4.21 -9.21
CA PRO B 11 13.40 4.12 -7.88
C PRO B 11 14.42 4.36 -6.78
N THR B 12 13.98 4.94 -5.67
CA THR B 12 14.89 5.25 -4.58
C THR B 12 14.60 4.44 -3.32
N THR B 13 13.35 3.99 -3.19
CA THR B 13 12.95 3.19 -2.03
C THR B 13 13.57 1.79 -2.11
N ASP B 14 14.33 1.43 -1.08
CA ASP B 14 15.04 0.16 -1.07
C ASP B 14 14.11 -1.00 -0.67
N LEU B 15 13.55 -1.66 -1.66
CA LEU B 15 12.66 -2.79 -1.43
C LEU B 15 13.40 -4.11 -1.58
N PRO B 16 13.05 -5.12 -0.75
CA PRO B 16 13.70 -6.43 -0.80
C PRO B 16 13.36 -7.22 -2.05
N ARG B 17 14.32 -8.00 -2.54
CA ARG B 17 14.09 -8.90 -3.66
C ARG B 17 13.31 -10.13 -3.19
N GLU B 18 12.71 -10.85 -4.12
CA GLU B 18 11.99 -12.07 -3.76
C GLU B 18 12.90 -13.28 -3.92
N LYS B 19 13.94 -13.14 -4.72
CA LYS B 19 14.87 -14.24 -5.00
C LYS B 19 16.31 -13.75 -5.02
N PRO B 20 17.26 -14.66 -4.74
CA PRO B 20 18.69 -14.31 -4.75
C PRO B 20 19.15 -13.71 -6.08
N LEU B 21 20.07 -12.76 -6.01
CA LEU B 21 20.73 -12.24 -7.18
C LEU B 21 21.53 -13.37 -7.83
N PRO B 22 21.34 -13.60 -9.13
CA PRO B 22 21.93 -14.72 -9.87
C PRO B 22 23.42 -14.90 -9.63
N LEU C 1 17.06 -6.89 -15.78
CA LEU C 1 17.72 -7.26 -14.53
C LEU C 1 16.71 -7.38 -13.40
N VAL C 2 15.71 -6.50 -13.38
CA VAL C 2 14.71 -6.51 -12.32
C VAL C 2 13.91 -7.80 -12.33
N GLU C 3 13.35 -8.15 -11.17
CA GLU C 3 12.59 -9.39 -11.04
C GLU C 3 11.21 -9.27 -11.70
N ASN C 4 10.53 -10.39 -11.81
CA ASN C 4 9.12 -10.38 -12.21
C ASN C 4 8.29 -9.72 -11.12
N VAL C 5 7.07 -9.33 -11.47
CA VAL C 5 6.14 -8.79 -10.49
C VAL C 5 5.91 -9.81 -9.38
N LYS C 6 5.94 -9.36 -8.14
CA LYS C 6 5.68 -10.25 -7.00
C LYS C 6 4.22 -10.72 -7.01
N GLN C 7 4.04 -12.01 -6.82
CA GLN C 7 2.70 -12.60 -6.81
C GLN C 7 2.18 -12.74 -5.39
N ALA C 8 0.90 -12.42 -5.18
CA ALA C 8 0.31 -12.49 -3.86
C ALA C 8 -0.60 -13.70 -3.71
N LEU C 9 -0.47 -14.39 -2.58
CA LEU C 9 -1.33 -15.53 -2.26
C LEU C 9 -2.15 -15.23 -1.02
N PHE C 10 -3.47 -15.21 -1.16
CA PHE C 10 -4.36 -14.94 -0.04
C PHE C 10 -4.87 -16.24 0.57
N ILE C 11 -4.57 -16.43 1.86
CA ILE C 11 -4.86 -17.69 2.53
C ILE C 11 -5.83 -17.51 3.69
N PRO C 12 -7.03 -18.09 3.57
CA PRO C 12 -7.96 -18.12 4.70
C PRO C 12 -7.44 -19.05 5.80
N GLY C 13 -7.35 -18.54 7.02
CA GLY C 13 -6.93 -19.34 8.15
C GLY C 13 -8.10 -20.16 8.68
N GLN C 14 -7.83 -20.96 9.71
CA GLN C 14 -8.83 -21.82 10.31
C GLN C 14 -10.03 -21.02 10.84
N SER C 15 -9.75 -19.82 11.35
CA SER C 15 -10.77 -19.01 11.99
C SER C 15 -11.29 -17.89 11.08
N CYS C 16 -11.06 -18.02 9.78
CA CYS C 16 -11.55 -17.03 8.83
C CYS C 16 -13.05 -17.14 8.65
N ASN C 17 -13.73 -16.01 8.60
CA ASN C 17 -15.18 -15.98 8.41
C ASN C 17 -15.57 -15.18 7.16
N LYS C 18 -16.88 -15.06 6.94
CA LYS C 18 -17.40 -14.43 5.74
C LYS C 18 -17.04 -12.95 5.64
N ASN C 19 -17.17 -12.23 6.75
CA ASN C 19 -16.85 -10.81 6.78
C ASN C 19 -15.39 -10.55 6.45
N LEU C 20 -14.51 -11.34 7.03
CA LEU C 20 -13.08 -11.22 6.78
C LEU C 20 -12.76 -11.63 5.34
N HIS C 21 -13.53 -12.58 4.82
CA HIS C 21 -13.38 -13.04 3.45
C HIS C 21 -13.78 -11.97 2.45
N ASP C 22 -14.80 -11.18 2.80
CA ASP C 22 -15.21 -10.06 1.97
C ASP C 22 -14.09 -9.03 1.88
N ILE C 23 -13.39 -8.84 2.99
CA ILE C 23 -12.25 -7.92 3.03
C ILE C 23 -11.12 -8.45 2.15
N MET C 24 -10.89 -9.76 2.19
CA MET C 24 -9.89 -10.38 1.34
C MET C 24 -10.20 -10.12 -0.13
N VAL C 25 -11.42 -10.44 -0.54
CA VAL C 25 -11.85 -10.34 -1.92
C VAL C 25 -11.65 -8.94 -2.49
N ASP C 26 -12.10 -7.93 -1.74
CA ASP C 26 -12.03 -6.55 -2.21
C ASP C 26 -10.60 -6.02 -2.25
N LEU C 27 -9.78 -6.44 -1.30
CA LEU C 27 -8.39 -5.99 -1.27
C LEU C 27 -7.56 -6.76 -2.31
N SER C 28 -7.92 -8.02 -2.54
CA SER C 28 -7.25 -8.84 -3.54
C SER C 28 -7.47 -8.29 -4.95
N ALA C 29 -8.60 -7.61 -5.14
CA ALA C 29 -8.94 -7.04 -6.43
C ALA C 29 -7.93 -5.98 -6.87
N LEU C 30 -7.36 -5.28 -5.89
CA LEU C 30 -6.35 -4.27 -6.15
C LEU C 30 -5.04 -4.88 -6.67
N LYS C 31 -4.87 -6.17 -6.43
CA LYS C 31 -3.63 -6.87 -6.76
C LYS C 31 -3.73 -7.62 -8.08
N LYS C 32 -4.93 -7.64 -8.67
CA LYS C 32 -5.12 -8.25 -9.98
C LYS C 32 -4.19 -7.60 -11.00
N PRO C 33 -3.60 -8.41 -11.90
CA PRO C 33 -3.80 -9.86 -12.04
C PRO C 33 -2.76 -10.72 -11.34
N ASP C 34 -1.92 -10.10 -10.50
CA ASP C 34 -0.83 -10.83 -9.86
C ASP C 34 -1.24 -11.38 -8.50
N MET C 35 -2.27 -12.22 -8.49
CA MET C 35 -2.89 -12.65 -7.24
C MET C 35 -3.55 -14.03 -7.35
N LYS C 36 -3.47 -14.81 -6.29
CA LYS C 36 -4.18 -16.08 -6.18
C LYS C 36 -4.93 -16.15 -4.85
N ARG C 37 -6.11 -16.74 -4.88
CA ARG C 37 -6.87 -16.97 -3.66
C ARG C 37 -7.02 -18.44 -3.36
N PHE C 38 -6.79 -18.82 -2.10
CA PHE C 38 -7.18 -20.13 -1.64
C PHE C 38 -8.62 -20.10 -1.16
N ASN C 39 -9.33 -21.22 -1.31
CA ASN C 39 -10.74 -21.30 -0.99
C ASN C 39 -11.02 -22.01 0.32
N ARG C 40 -10.13 -22.93 0.70
CA ARG C 40 -10.30 -23.70 1.92
C ARG C 40 -9.58 -23.04 3.09
N LYS C 41 -9.91 -23.50 4.30
CA LYS C 41 -9.29 -22.96 5.50
C LYS C 41 -8.09 -23.81 5.90
N ASN C 42 -7.00 -23.14 6.27
CA ASN C 42 -5.77 -23.84 6.64
C ASN C 42 -5.34 -23.49 8.06
N ASP C 43 -4.90 -24.49 8.80
CA ASP C 43 -4.52 -24.30 10.21
C ASP C 43 -3.09 -23.77 10.32
N ILE C 44 -2.94 -22.47 10.08
CA ILE C 44 -1.62 -21.84 10.09
C ILE C 44 -1.49 -20.88 11.25
N HIS C 45 -0.37 -20.96 11.96
CA HIS C 45 -0.06 -20.02 13.04
C HIS C 45 1.37 -19.54 12.89
N PRO C 46 1.55 -18.43 12.15
CA PRO C 46 2.83 -17.88 11.71
C PRO C 46 3.86 -17.67 12.83
N PHE C 47 3.41 -17.16 13.97
CA PHE C 47 4.32 -16.84 15.06
C PHE C 47 4.56 -18.04 15.98
N GLU C 48 4.08 -19.21 15.55
CA GLU C 48 4.36 -20.45 16.25
C GLU C 48 5.16 -21.38 15.34
N ASP C 49 4.82 -21.36 14.05
CA ASP C 49 5.49 -22.19 13.05
C ASP C 49 5.37 -21.58 11.66
N MET C 50 6.50 -21.26 11.06
CA MET C 50 6.53 -20.58 9.76
C MET C 50 6.62 -21.55 8.59
N SER C 51 6.87 -22.82 8.88
CA SER C 51 7.07 -23.84 7.84
C SER C 51 5.97 -23.92 6.76
N PRO C 52 4.68 -23.90 7.17
CA PRO C 52 3.66 -24.02 6.11
C PRO C 52 3.64 -22.83 5.15
N LEU C 53 3.95 -21.64 5.64
CA LEU C 53 3.94 -20.45 4.81
C LEU C 53 5.08 -20.46 3.80
N GLU C 54 6.20 -21.04 4.20
CA GLU C 54 7.35 -21.17 3.31
C GLU C 54 7.07 -22.24 2.26
N PHE C 55 6.31 -23.25 2.66
CA PHE C 55 5.89 -24.32 1.75
C PHE C 55 4.99 -23.77 0.65
N PHE C 56 3.95 -23.04 1.05
CA PHE C 56 3.01 -22.45 0.11
C PHE C 56 3.69 -21.45 -0.82
N SER C 57 4.68 -20.73 -0.28
CA SER C 57 5.41 -19.73 -1.05
C SER C 57 6.16 -20.38 -2.21
N GLU C 58 6.78 -21.53 -1.95
CA GLU C 58 7.57 -22.22 -2.95
C GLU C 58 6.70 -22.90 -4.01
N LYS C 59 5.67 -23.62 -3.54
CA LYS C 59 4.84 -24.43 -4.43
C LYS C 59 3.86 -23.62 -5.27
N ASN C 60 3.62 -22.38 -4.88
CA ASN C 60 2.72 -21.51 -5.62
C ASN C 60 3.46 -20.35 -6.27
N ASP C 61 4.76 -20.26 -6.01
CA ASP C 61 5.61 -19.20 -6.52
C ASP C 61 5.06 -17.82 -6.15
N CYS C 62 4.69 -17.65 -4.89
CA CYS C 62 4.18 -16.38 -4.39
C CYS C 62 5.07 -15.86 -3.27
N SER C 63 5.64 -14.67 -3.47
CA SER C 63 6.54 -14.08 -2.50
C SER C 63 5.80 -13.13 -1.56
N LEU C 64 4.52 -12.90 -1.85
CA LEU C 64 3.66 -12.12 -0.97
C LEU C 64 2.48 -12.98 -0.52
N MET C 65 2.21 -12.98 0.78
CA MET C 65 1.13 -13.80 1.32
C MET C 65 0.33 -13.06 2.37
N VAL C 66 -0.98 -13.30 2.41
CA VAL C 66 -1.84 -12.70 3.42
C VAL C 66 -2.72 -13.76 4.09
N LEU C 67 -2.50 -13.98 5.39
CA LEU C 67 -3.30 -14.94 6.14
C LEU C 67 -4.49 -14.25 6.81
N MET C 68 -5.65 -14.86 6.73
CA MET C 68 -6.86 -14.31 7.33
C MET C 68 -7.25 -15.09 8.59
N THR C 69 -7.34 -14.39 9.71
CA THR C 69 -7.57 -15.01 11.00
C THR C 69 -8.42 -14.10 11.88
N SER C 70 -9.27 -14.69 12.71
CA SER C 70 -10.07 -13.89 13.64
C SER C 70 -10.36 -14.61 14.96
N SER C 71 -9.98 -13.95 16.05
CA SER C 71 -10.39 -14.34 17.39
C SER C 71 -10.82 -13.07 18.10
N LYS C 72 -11.23 -13.17 19.36
CA LYS C 72 -11.63 -11.97 20.09
C LYS C 72 -10.41 -11.18 20.54
N LYS C 73 -9.29 -11.86 20.72
CA LYS C 73 -8.04 -11.20 21.05
C LYS C 73 -7.48 -10.48 19.83
N ARG C 74 -7.57 -11.14 18.67
CA ARG C 74 -7.11 -10.55 17.42
C ARG C 74 -8.17 -10.70 16.32
N LYS C 75 -9.11 -9.76 16.29
CA LYS C 75 -10.24 -9.81 15.37
C LYS C 75 -9.90 -9.22 14.01
N ASN C 76 -10.39 -9.88 12.95
CA ASN C 76 -10.13 -9.46 11.58
C ASN C 76 -8.64 -9.31 11.31
N ASN C 77 -7.88 -10.32 11.74
CA ASN C 77 -6.42 -10.26 11.66
C ASN C 77 -5.88 -10.62 10.27
N MET C 78 -5.24 -9.65 9.63
CA MET C 78 -4.58 -9.87 8.36
C MET C 78 -3.07 -9.87 8.54
N THR C 79 -2.46 -11.05 8.48
CA THR C 79 -1.01 -11.17 8.64
C THR C 79 -0.32 -11.10 7.28
N PHE C 80 0.34 -9.98 7.02
CA PHE C 80 1.06 -9.78 5.76
C PHE C 80 2.46 -10.39 5.82
N ILE C 81 2.79 -11.22 4.84
CA ILE C 81 4.03 -11.98 4.85
C ILE C 81 4.81 -11.84 3.53
N ARG C 82 6.10 -11.52 3.66
CA ARG C 82 6.98 -11.47 2.49
C ARG C 82 8.05 -12.54 2.62
N THR C 83 8.42 -13.16 1.50
CA THR C 83 9.47 -14.17 1.50
C THR C 83 10.62 -13.81 0.56
N PHE C 84 11.80 -14.33 0.90
CA PHE C 84 12.97 -14.21 0.05
C PHE C 84 13.60 -15.59 -0.10
N GLY C 85 13.66 -16.08 -1.34
CA GLY C 85 14.13 -17.43 -1.59
C GLY C 85 13.21 -18.44 -0.92
N TYR C 86 11.92 -18.09 -0.86
CA TYR C 86 10.88 -18.91 -0.26
C TYR C 86 11.02 -19.06 1.27
N LYS C 87 11.93 -18.29 1.86
CA LYS C 87 12.06 -18.22 3.31
C LYS C 87 11.46 -16.91 3.81
N ILE C 88 10.90 -16.93 5.02
CA ILE C 88 10.24 -15.75 5.58
C ILE C 88 11.19 -14.57 5.73
N TYR C 89 10.82 -13.45 5.13
CA TYR C 89 11.59 -12.22 5.24
C TYR C 89 11.10 -11.40 6.43
N ASP C 90 9.84 -10.98 6.39
CA ASP C 90 9.22 -10.33 7.53
C ASP C 90 7.72 -10.58 7.60
N MET C 91 7.14 -10.29 8.77
CA MET C 91 5.71 -10.47 9.00
C MET C 91 5.16 -9.33 9.85
N ILE C 92 3.92 -8.94 9.59
CA ILE C 92 3.25 -7.98 10.45
C ILE C 92 1.74 -8.22 10.49
N GLU C 93 1.19 -8.21 11.69
CA GLU C 93 -0.25 -8.36 11.86
C GLU C 93 -0.96 -7.02 11.75
N LEU C 94 -1.91 -6.93 10.82
CA LEU C 94 -2.72 -5.74 10.67
C LEU C 94 -4.19 -6.10 10.83
N MET C 95 -4.79 -5.63 11.92
CA MET C 95 -6.16 -5.99 12.26
C MET C 95 -7.14 -4.89 11.86
N VAL C 96 -8.18 -5.28 11.15
CA VAL C 96 -9.15 -4.34 10.59
C VAL C 96 -10.21 -3.95 11.60
N ALA C 97 -10.38 -2.64 11.80
CA ALA C 97 -11.38 -2.13 12.73
C ALA C 97 -12.80 -2.32 12.17
N ASP C 98 -13.79 -2.18 13.04
CA ASP C 98 -15.18 -2.48 12.67
C ASP C 98 -15.80 -1.42 11.76
N ASN C 99 -15.12 -0.29 11.60
CA ASN C 99 -15.65 0.80 10.78
C ASN C 99 -15.27 0.69 9.30
N PHE C 100 -14.95 -0.53 8.85
CA PHE C 100 -14.49 -0.73 7.49
C PHE C 100 -15.62 -0.65 6.47
N LYS C 101 -15.27 -0.25 5.25
CA LYS C 101 -16.22 -0.18 4.16
C LYS C 101 -15.75 -1.00 2.98
N LEU C 102 -16.65 -1.78 2.39
CA LEU C 102 -16.33 -2.62 1.23
C LEU C 102 -16.61 -1.88 -0.07
N LEU C 103 -16.34 -2.55 -1.19
CA LEU C 103 -16.58 -1.96 -2.51
C LEU C 103 -18.06 -1.72 -2.75
N SER C 104 -18.90 -2.50 -2.07
CA SER C 104 -20.35 -2.38 -2.19
C SER C 104 -20.86 -1.09 -1.57
N ASP C 105 -20.07 -0.51 -0.67
CA ASP C 105 -20.48 0.70 0.06
C ASP C 105 -20.15 1.97 -0.70
N PHE C 106 -19.49 1.83 -1.84
CA PHE C 106 -19.16 2.98 -2.69
C PHE C 106 -19.77 2.82 -4.07
N LYS C 107 -20.15 3.94 -4.69
CA LYS C 107 -20.66 3.91 -6.05
C LYS C 107 -19.62 3.33 -7.00
N LYS C 108 -20.02 2.31 -7.76
CA LYS C 108 -19.11 1.66 -8.68
C LYS C 108 -18.81 2.56 -9.87
N LEU C 109 -17.53 2.87 -10.06
CA LEU C 109 -17.09 3.66 -11.21
C LEU C 109 -16.38 2.77 -12.22
N THR C 110 -16.08 3.31 -13.39
CA THR C 110 -15.29 2.58 -14.37
C THR C 110 -13.85 2.45 -13.86
N PHE C 111 -13.30 1.25 -13.97
CA PHE C 111 -11.99 0.98 -13.37
C PHE C 111 -11.19 -0.03 -14.20
N THR C 112 -10.13 0.45 -14.83
CA THR C 112 -9.25 -0.42 -15.61
C THR C 112 -8.37 -1.25 -14.68
N VAL C 113 -8.53 -2.58 -14.74
CA VAL C 113 -7.75 -3.49 -13.91
C VAL C 113 -6.33 -3.64 -14.43
N GLY C 114 -5.35 -3.54 -13.53
CA GLY C 114 -3.97 -3.82 -13.89
C GLY C 114 -3.12 -2.59 -14.18
N LEU C 115 -3.57 -1.43 -13.70
CA LEU C 115 -2.80 -0.21 -13.87
C LEU C 115 -1.92 0.07 -12.66
N LYS C 116 -0.75 0.65 -12.90
CA LYS C 116 0.16 1.04 -11.84
C LYS C 116 -0.49 2.07 -10.93
N PRO C 117 -0.68 1.73 -9.64
CA PRO C 117 -1.28 2.67 -8.70
C PRO C 117 -0.31 3.75 -8.26
N MET C 118 -0.84 4.91 -7.87
CA MET C 118 -0.04 5.94 -7.24
C MET C 118 -0.06 5.74 -5.73
N PHE C 119 0.94 6.27 -5.05
CA PHE C 119 1.02 6.16 -3.59
C PHE C 119 1.19 7.53 -2.94
N THR C 120 0.49 7.73 -1.81
CA THR C 120 0.78 8.85 -0.93
C THR C 120 0.79 8.37 0.51
N PHE C 121 1.88 8.66 1.22
CA PHE C 121 2.00 8.29 2.62
C PHE C 121 2.01 9.54 3.50
N GLN C 122 1.05 9.63 4.41
CA GLN C 122 0.97 10.76 5.33
C GLN C 122 1.40 10.36 6.74
N GLY C 123 2.45 11.01 7.23
CA GLY C 123 2.97 10.72 8.56
C GLY C 123 4.49 10.66 8.57
N ALA C 124 5.10 11.47 9.43
CA ALA C 124 6.55 11.55 9.51
C ALA C 124 7.17 10.25 10.00
N ALA C 125 6.39 9.45 10.71
CA ALA C 125 6.88 8.19 11.27
C ALA C 125 7.17 7.16 10.18
N PHE C 126 6.56 7.34 9.02
CA PHE C 126 6.79 6.45 7.88
C PHE C 126 8.25 6.46 7.43
N ASP C 127 8.99 7.46 7.88
CA ASP C 127 10.38 7.63 7.47
C ASP C 127 11.37 7.38 8.61
N THR C 128 10.91 7.46 9.85
CA THR C 128 11.80 7.37 11.01
C THR C 128 11.49 6.20 11.93
N HIS C 129 10.22 5.86 12.06
CA HIS C 129 9.81 4.81 12.99
C HIS C 129 9.94 3.43 12.37
N PRO C 130 10.66 2.51 13.04
CA PRO C 130 10.93 1.15 12.55
C PRO C 130 9.67 0.39 12.13
N VAL C 131 8.60 0.51 12.92
CA VAL C 131 7.36 -0.19 12.63
C VAL C 131 6.70 0.35 11.36
N TYR C 132 6.56 1.67 11.28
CA TYR C 132 5.88 2.30 10.16
C TYR C 132 6.73 2.29 8.89
N LYS C 133 8.05 2.23 9.05
CA LYS C 133 8.94 2.09 7.91
C LYS C 133 8.73 0.75 7.22
N GLN C 134 8.46 -0.28 8.01
CA GLN C 134 8.18 -1.61 7.49
C GLN C 134 6.85 -1.64 6.75
N ILE C 135 5.87 -0.92 7.29
CA ILE C 135 4.54 -0.87 6.70
C ILE C 135 4.58 -0.15 5.35
N LYS C 136 5.30 0.96 5.29
CA LYS C 136 5.50 1.68 4.04
C LYS C 136 6.21 0.81 3.01
N SER C 137 7.25 0.12 3.45
CA SER C 137 7.99 -0.81 2.60
C SER C 137 7.09 -1.94 2.11
N LEU C 138 6.26 -2.45 3.02
CA LEU C 138 5.36 -3.55 2.71
C LEU C 138 4.36 -3.22 1.61
N PHE C 139 3.62 -2.13 1.80
CA PHE C 139 2.55 -1.77 0.88
C PHE C 139 3.06 -1.23 -0.45
N LEU C 140 4.25 -0.64 -0.46
CA LEU C 140 4.90 -0.27 -1.70
C LEU C 140 5.25 -1.52 -2.50
N ASP C 141 5.85 -2.49 -1.81
CA ASP C 141 6.27 -3.74 -2.42
C ASP C 141 5.08 -4.56 -2.90
N PHE C 142 3.98 -4.45 -2.17
CA PHE C 142 2.80 -5.30 -2.39
C PHE C 142 1.98 -4.88 -3.62
N PHE C 143 1.77 -3.58 -3.78
CA PHE C 143 0.79 -3.10 -4.75
C PHE C 143 1.37 -2.40 -5.98
N ARG C 144 2.66 -2.08 -5.97
CA ARG C 144 3.25 -1.28 -7.05
C ARG C 144 3.21 -2.00 -8.40
N GLY C 145 3.28 -3.33 -8.36
CA GLY C 145 3.21 -4.14 -9.56
C GLY C 145 4.40 -3.96 -10.51
N GLU C 146 4.09 -3.75 -11.78
CA GLU C 146 5.09 -3.67 -12.84
C GLU C 146 6.02 -2.46 -12.74
N SER C 147 7.31 -2.71 -12.70
CA SER C 147 8.31 -1.63 -12.82
C SER C 147 8.50 -1.31 -14.29
N THR C 148 8.59 -0.02 -14.62
CA THR C 148 8.71 0.39 -16.01
C THR C 148 9.41 1.74 -16.17
N ASP C 149 10.04 1.94 -17.32
CA ASP C 149 10.68 3.21 -17.64
C ASP C 149 9.70 4.17 -18.29
N LEU C 150 8.58 3.62 -18.76
CA LEU C 150 7.62 4.38 -19.53
C LEU C 150 6.27 4.48 -18.83
N GLN C 151 5.74 5.70 -18.72
CA GLN C 151 4.46 5.91 -18.07
C GLN C 151 3.50 6.71 -18.94
N ASP C 152 2.33 6.14 -19.22
CA ASP C 152 1.27 6.84 -19.89
C ASP C 152 0.50 7.66 -18.86
N VAL C 153 0.39 8.97 -19.09
CA VAL C 153 -0.33 9.85 -18.18
C VAL C 153 -1.79 9.44 -18.05
N ALA C 154 -2.35 8.93 -19.15
CA ALA C 154 -3.72 8.44 -19.16
C ALA C 154 -3.91 7.23 -18.26
N GLY C 155 -2.80 6.59 -17.88
CA GLY C 155 -2.84 5.43 -17.02
C GLY C 155 -2.81 5.76 -15.54
N LEU C 156 -2.68 7.05 -15.23
CA LEU C 156 -2.70 7.50 -13.84
C LEU C 156 -4.14 7.59 -13.35
N GLN C 157 -4.66 6.46 -12.88
CA GLN C 157 -6.08 6.31 -12.62
C GLN C 157 -6.46 6.43 -11.15
N HIS C 158 -5.74 5.73 -10.28
CA HIS C 158 -6.11 5.70 -8.87
C HIS C 158 -4.90 5.83 -7.95
N VAL C 159 -5.17 6.23 -6.70
CA VAL C 159 -4.11 6.40 -5.71
C VAL C 159 -4.40 5.56 -4.47
N ILE C 160 -3.36 4.94 -3.93
CA ILE C 160 -3.45 4.27 -2.65
C ILE C 160 -2.89 5.20 -1.57
N SER C 161 -3.75 5.60 -0.63
CA SER C 161 -3.37 6.54 0.40
C SER C 161 -3.29 5.86 1.77
N MET C 162 -2.19 6.08 2.48
CA MET C 162 -2.02 5.53 3.82
C MET C 162 -1.64 6.62 4.81
N THR C 163 -2.46 6.79 5.84
CA THR C 163 -2.30 7.86 6.81
C THR C 163 -2.25 7.34 8.23
N ILE C 164 -1.25 7.78 8.99
CA ILE C 164 -1.17 7.45 10.40
C ILE C 164 -2.19 8.29 11.17
N GLN C 165 -2.97 7.65 12.03
CA GLN C 165 -4.02 8.35 12.77
C GLN C 165 -3.43 9.27 13.83
N GLY C 166 -2.94 10.43 13.38
CA GLY C 166 -2.39 11.44 14.27
C GLY C 166 -0.95 11.18 14.66
N ASP C 167 -0.22 12.25 14.96
CA ASP C 167 1.12 12.13 15.50
C ASP C 167 1.05 11.55 16.91
N PHE C 168 2.19 11.10 17.43
CA PHE C 168 2.22 10.43 18.71
C PHE C 168 3.59 10.54 19.37
N GLN C 169 3.64 10.25 20.67
CA GLN C 169 4.88 10.32 21.41
C GLN C 169 5.38 8.93 21.78
N ASP C 170 6.69 8.81 21.96
CA ASP C 170 7.30 7.54 22.29
C ASP C 170 6.77 6.98 23.61
N GLY C 171 6.36 5.72 23.59
CA GLY C 171 5.82 5.06 24.78
C GLY C 171 4.33 4.79 24.66
N GLU C 172 3.61 5.71 24.01
CA GLU C 172 2.17 5.55 23.80
C GLU C 172 1.88 4.45 22.77
N PRO C 173 0.68 3.87 22.83
CA PRO C 173 0.28 2.86 21.84
C PRO C 173 0.39 3.38 20.41
N LEU C 174 0.78 2.51 19.48
CA LEU C 174 0.95 2.89 18.10
C LEU C 174 -0.40 3.19 17.44
N PRO C 175 -0.54 4.41 16.88
CA PRO C 175 -1.76 4.80 16.17
C PRO C 175 -2.05 3.90 14.96
N ASN C 176 -3.32 3.76 14.63
CA ASN C 176 -3.73 2.95 13.48
C ASN C 176 -3.27 3.56 12.16
N VAL C 177 -3.22 2.74 11.12
CA VAL C 177 -2.90 3.22 9.79
C VAL C 177 -4.15 3.18 8.91
N LEU C 178 -4.47 4.30 8.28
CA LEU C 178 -5.73 4.44 7.55
C LEU C 178 -5.56 4.23 6.05
N PHE C 179 -6.00 3.05 5.60
CA PHE C 179 -5.89 2.65 4.20
C PHE C 179 -7.09 3.16 3.39
N ARG C 180 -6.82 4.01 2.40
CA ARG C 180 -7.86 4.56 1.54
C ARG C 180 -7.49 4.43 0.07
N VAL C 181 -8.50 4.28 -0.79
CA VAL C 181 -8.27 4.22 -2.24
C VAL C 181 -9.17 5.22 -2.96
N TYR C 182 -8.55 6.10 -3.75
CA TYR C 182 -9.29 7.12 -4.48
C TYR C 182 -9.07 7.03 -5.99
N LYS C 183 -10.10 7.35 -6.76
CA LYS C 183 -9.95 7.53 -8.20
C LYS C 183 -9.67 8.99 -8.51
N LEU C 184 -8.81 9.24 -9.49
CA LEU C 184 -8.45 10.59 -9.87
C LEU C 184 -9.41 11.21 -10.87
N LYS C 185 -9.74 12.47 -10.65
CA LYS C 185 -10.43 13.28 -11.66
C LYS C 185 -9.65 14.57 -11.86
N SER C 186 -9.42 14.96 -13.11
CA SER C 186 -8.62 16.14 -13.40
C SER C 186 -9.38 17.14 -14.28
N TYR C 187 -9.23 18.42 -13.95
CA TYR C 187 -9.86 19.49 -14.71
C TYR C 187 -8.81 20.51 -15.15
N LYS C 188 -9.17 21.35 -16.12
CA LYS C 188 -8.22 22.30 -16.70
C LYS C 188 -8.16 23.57 -15.85
N SER C 189 -6.98 24.17 -15.77
CA SER C 189 -6.78 25.37 -14.95
C SER C 189 -7.16 26.64 -15.69
N ARG C 195 1.33 23.01 -18.91
CA ARG C 195 0.03 23.17 -18.27
C ARG C 195 -0.22 22.08 -17.22
N LEU C 196 -0.82 22.48 -16.10
CA LEU C 196 -1.13 21.55 -15.03
C LEU C 196 -2.64 21.48 -14.78
N PRO C 197 -3.17 20.27 -14.56
CA PRO C 197 -4.58 20.10 -14.26
C PRO C 197 -4.88 20.22 -12.76
N ARG C 198 -6.10 20.66 -12.44
CA ARG C 198 -6.57 20.64 -11.05
C ARG C 198 -7.07 19.25 -10.72
N ILE C 199 -6.57 18.68 -9.62
CA ILE C 199 -6.89 17.31 -9.26
C ILE C 199 -7.97 17.23 -8.16
N GLU C 200 -8.95 16.36 -8.37
CA GLU C 200 -9.94 16.04 -7.35
C GLU C 200 -9.98 14.53 -7.17
N LEU C 201 -10.48 14.07 -6.02
CA LEU C 201 -10.51 12.64 -5.73
C LEU C 201 -11.90 12.13 -5.39
N VAL C 202 -12.17 10.89 -5.77
CA VAL C 202 -13.39 10.20 -5.37
C VAL C 202 -13.04 8.83 -4.77
N GLU C 203 -13.50 8.60 -3.55
CA GLU C 203 -13.20 7.34 -2.87
C GLU C 203 -13.93 6.18 -3.53
N ILE C 204 -13.21 5.08 -3.77
CA ILE C 204 -13.80 3.90 -4.40
C ILE C 204 -13.66 2.67 -3.52
N GLY C 205 -12.89 2.79 -2.44
CA GLY C 205 -12.73 1.69 -1.51
C GLY C 205 -11.71 0.66 -1.95
N PRO C 206 -11.47 -0.36 -1.12
CA PRO C 206 -12.07 -0.53 0.22
C PRO C 206 -11.49 0.43 1.25
N ARG C 207 -12.23 0.69 2.32
CA ARG C 207 -11.78 1.57 3.38
C ARG C 207 -11.42 0.76 4.62
N LEU C 208 -10.16 0.83 5.04
CA LEU C 208 -9.68 -0.02 6.12
C LEU C 208 -8.85 0.74 7.16
N ASP C 209 -9.15 0.51 8.43
CA ASP C 209 -8.34 1.02 9.52
C ASP C 209 -7.55 -0.12 10.14
N PHE C 210 -6.23 -0.09 9.97
CA PHE C 210 -5.37 -1.18 10.41
C PHE C 210 -4.83 -0.97 11.83
N LYS C 211 -5.11 -1.92 12.71
CA LYS C 211 -4.51 -1.94 14.04
C LYS C 211 -3.27 -2.84 14.02
N ILE C 212 -2.15 -2.30 14.48
CA ILE C 212 -0.87 -3.00 14.39
C ILE C 212 -0.69 -4.06 15.49
N GLY C 213 -0.33 -5.26 15.08
CA GLY C 213 -0.13 -6.36 16.02
C GLY C 213 1.33 -6.79 16.10
N ARG C 214 1.56 -8.10 16.14
CA ARG C 214 2.90 -8.65 16.28
C ARG C 214 3.73 -8.47 15.00
N ILE C 215 5.05 -8.40 15.16
CA ILE C 215 5.96 -8.16 14.06
C ILE C 215 7.13 -9.15 14.05
N HIS C 216 7.51 -9.61 12.86
CA HIS C 216 8.72 -10.40 12.68
C HIS C 216 9.65 -9.68 11.70
N THR C 217 10.90 -9.48 12.10
CA THR C 217 11.88 -8.79 11.27
C THR C 217 13.00 -9.73 10.82
N PRO C 218 13.58 -9.47 9.64
CA PRO C 218 14.65 -10.34 9.12
C PRO C 218 15.97 -10.17 9.86
N SER C 219 16.82 -11.19 9.76
CA SER C 219 18.17 -11.13 10.31
C SER C 219 19.04 -10.27 9.39
N PRO C 220 20.16 -9.73 9.93
CA PRO C 220 21.10 -8.95 9.11
C PRO C 220 21.59 -9.72 7.88
N ASP C 221 21.80 -11.02 8.02
CA ASP C 221 22.29 -11.83 6.91
C ASP C 221 21.29 -11.86 5.74
N MET C 222 20.01 -12.02 6.07
CA MET C 222 18.98 -12.09 5.03
C MET C 222 18.77 -10.73 4.36
N VAL C 223 18.84 -9.67 5.16
CA VAL C 223 18.74 -8.31 4.62
C VAL C 223 19.85 -8.07 3.59
N THR C 224 21.05 -8.55 3.92
CA THR C 224 22.19 -8.42 3.04
C THR C 224 21.94 -9.08 1.68
N GLU C 225 21.35 -10.27 1.70
CA GLU C 225 21.09 -11.02 0.48
C GLU C 225 19.91 -10.46 -0.30
N ALA C 226 18.85 -10.08 0.42
CA ALA C 226 17.63 -9.60 -0.22
C ALA C 226 17.78 -8.18 -0.74
N HIS C 227 18.77 -7.45 -0.22
CA HIS C 227 19.03 -6.09 -0.66
C HIS C 227 20.40 -5.93 -1.29
N LYS C 228 20.97 -7.05 -1.75
CA LYS C 228 22.27 -7.02 -2.42
C LYS C 228 22.18 -6.24 -3.74
N LYS C 229 23.18 -5.40 -4.00
CA LYS C 229 23.19 -4.59 -5.21
C LYS C 229 24.05 -5.20 -6.31
N PRO C 230 23.61 -5.07 -7.57
CA PRO C 230 24.36 -5.57 -8.73
C PRO C 230 25.58 -4.72 -9.04
#